data_9F4J
#
_entry.id   9F4J
#
_cell.length_a   38.006
_cell.length_b   43.900
_cell.length_c   56.009
_cell.angle_alpha   90.000
_cell.angle_beta   94.220
_cell.angle_gamma   90.000
#
_symmetry.space_group_name_H-M   'P 1 21 1'
#
loop_
_entity.id
_entity.type
_entity.pdbx_description
1 polymer 'Heterogeneous nuclear ribonucleoprotein A1, N-terminally processed'
2 non-polymer (2R)-N,2-dimethyl-N-(propan-2-yl)morpholine-4-sulfonamide
3 water water
#
_entity_poly.entity_id   1
_entity_poly.type   'polypeptide(L)'
_entity_poly.pdbx_seq_one_letter_code
;GPMGSKSESPKEPEQLRKLFIGGLSFETTDESLRSHFEQWGTLTDCVVMRDPNTKRSRGFGFVTYATVEEVDAAMNARPH
KVDGRVVEPKRAVSREDSQRPGAHLTVKKIFVGGIKEDTEEHHLRDYFEQYGKIEVIEIMTDRGSGKKRGFAFVTFDDHD
SVDKIVIQKYHTVNGHNCEVRKALSKQEMASASSSQRG
;
_entity_poly.pdbx_strand_id   A
#
# COMPACT_ATOMS: atom_id res chain seq x y z
N PRO A 10 -4.86 16.43 15.09
CA PRO A 10 -3.40 16.40 14.96
C PRO A 10 -2.83 15.54 13.81
N LYS A 11 -1.53 15.25 13.87
CA LYS A 11 -0.85 14.59 12.78
C LYS A 11 -1.17 13.10 12.76
N GLU A 12 -1.25 12.54 11.56
CA GLU A 12 -1.40 11.10 11.45
C GLU A 12 -0.20 10.42 12.10
N PRO A 13 -0.37 9.21 12.63
CA PRO A 13 0.76 8.48 13.21
C PRO A 13 1.92 8.38 12.23
N GLU A 14 3.12 8.59 12.76
CA GLU A 14 4.32 8.62 11.94
C GLU A 14 4.49 7.34 11.15
N GLN A 15 4.11 6.20 11.74
CA GLN A 15 4.27 4.92 11.04
C GLN A 15 3.52 4.92 9.72
N LEU A 16 2.40 5.63 9.64
CA LEU A 16 1.58 5.64 8.44
C LEU A 16 2.07 6.65 7.41
N ARG A 17 3.10 7.41 7.75
CA ARG A 17 3.67 8.44 6.89
C ARG A 17 5.02 8.02 6.31
N LYS A 18 5.41 6.79 6.59
CA LYS A 18 6.74 6.33 6.15
C LYS A 18 6.68 5.50 4.87
N LEU A 19 7.73 5.63 4.08
CA LEU A 19 7.87 4.73 2.93
C LEU A 19 9.22 4.02 3.00
N PHE A 20 9.20 2.69 3.02
N PHE A 20 9.20 2.69 3.01
CA PHE A 20 10.47 1.93 2.99
CA PHE A 20 10.47 1.93 3.00
C PHE A 20 10.88 1.83 1.53
C PHE A 20 10.89 1.81 1.54
N ILE A 21 12.09 2.30 1.22
CA ILE A 21 12.55 2.29 -0.19
C ILE A 21 13.62 1.20 -0.38
N GLY A 22 13.25 0.15 -1.08
CA GLY A 22 14.22 -0.91 -1.37
C GLY A 22 14.83 -0.74 -2.74
N GLY A 23 15.89 -1.50 -2.99
CA GLY A 23 16.52 -1.49 -4.29
C GLY A 23 17.31 -0.25 -4.62
N LEU A 24 17.79 0.46 -3.62
CA LEU A 24 18.54 1.68 -3.86
C LEU A 24 19.85 1.38 -4.57
N SER A 25 20.27 2.32 -5.42
CA SER A 25 21.66 2.31 -5.83
C SER A 25 22.54 2.53 -4.60
N PHE A 26 23.66 1.81 -4.55
CA PHE A 26 24.56 1.99 -3.41
C PHE A 26 25.15 3.40 -3.38
N GLU A 27 25.01 4.18 -4.46
CA GLU A 27 25.50 5.55 -4.46
C GLU A 27 24.47 6.56 -3.95
N THR A 28 23.24 6.13 -3.70
CA THR A 28 22.24 7.03 -3.15
C THR A 28 22.60 7.41 -1.72
N THR A 29 22.44 8.69 -1.40
CA THR A 29 22.75 9.24 -0.09
C THR A 29 21.48 9.78 0.56
N ASP A 30 21.57 10.12 1.84
CA ASP A 30 20.45 10.79 2.51
C ASP A 30 20.03 11.99 1.68
N GLU A 31 21.00 12.73 1.18
CA GLU A 31 20.69 13.96 0.46
C GLU A 31 20.05 13.69 -0.89
N SER A 32 20.55 12.70 -1.65
CA SER A 32 19.96 12.47 -2.96
C SER A 32 18.61 11.77 -2.86
N LEU A 33 18.42 10.92 -1.86
CA LEU A 33 17.11 10.33 -1.63
C LEU A 33 16.10 11.40 -1.28
N ARG A 34 16.50 12.35 -0.42
CA ARG A 34 15.63 13.45 -0.03
C ARG A 34 15.28 14.34 -1.23
N SER A 35 16.30 14.74 -1.99
CA SER A 35 16.03 15.61 -3.14
C SER A 35 15.04 14.95 -4.10
N HIS A 36 15.13 13.65 -4.27
CA HIS A 36 14.17 12.96 -5.11
C HIS A 36 12.77 12.99 -4.52
N PHE A 37 12.62 12.49 -3.29
CA PHE A 37 11.29 12.28 -2.75
C PHE A 37 10.62 13.57 -2.25
N GLU A 38 11.39 14.65 -2.06
CA GLU A 38 10.75 15.92 -1.74
C GLU A 38 9.89 16.45 -2.89
N GLN A 39 9.97 15.85 -4.08
CA GLN A 39 9.08 16.30 -5.13
C GLN A 39 7.61 16.04 -4.80
N TRP A 40 7.30 15.11 -3.90
CA TRP A 40 5.92 14.75 -3.61
C TRP A 40 5.44 15.16 -2.23
N GLY A 41 6.25 15.88 -1.47
CA GLY A 41 5.81 16.38 -0.19
C GLY A 41 6.97 16.75 0.70
N THR A 42 6.60 17.29 1.87
CA THR A 42 7.58 17.65 2.89
C THR A 42 8.08 16.39 3.59
N LEU A 43 9.41 16.22 3.63
CA LEU A 43 10.02 15.07 4.31
C LEU A 43 10.52 15.48 5.69
N THR A 44 9.94 14.87 6.73
CA THR A 44 10.41 15.08 8.08
C THR A 44 11.60 14.18 8.44
N ASP A 45 11.85 13.14 7.65
CA ASP A 45 12.97 12.25 7.88
C ASP A 45 13.32 11.59 6.54
N CYS A 46 14.60 11.27 6.37
CA CYS A 46 15.04 10.60 5.16
C CYS A 46 16.42 10.01 5.39
N VAL A 47 16.53 8.68 5.39
CA VAL A 47 17.74 7.97 5.79
C VAL A 47 18.04 6.83 4.83
N VAL A 48 19.29 6.72 4.42
CA VAL A 48 19.81 5.55 3.73
C VAL A 48 20.45 4.65 4.78
N MET A 49 20.07 3.39 4.80
CA MET A 49 20.68 2.48 5.77
C MET A 49 22.06 2.06 5.28
N ARG A 50 23.03 2.07 6.21
CA ARG A 50 24.42 1.74 5.88
C ARG A 50 25.00 0.78 6.91
N ASP A 51 26.03 0.07 6.47
CA ASP A 51 26.78 -0.78 7.38
C ASP A 51 27.47 0.08 8.46
N PRO A 52 27.43 -0.34 9.72
CA PRO A 52 28.02 0.47 10.79
C PRO A 52 29.53 0.58 10.71
N ASN A 53 30.22 -0.38 10.10
CA ASN A 53 31.67 -0.36 10.03
C ASN A 53 32.19 0.19 8.71
N THR A 54 31.65 -0.27 7.58
CA THR A 54 32.18 0.14 6.29
C THR A 54 31.53 1.39 5.74
N LYS A 55 30.37 1.79 6.26
CA LYS A 55 29.52 2.86 5.72
C LYS A 55 28.98 2.56 4.33
N ARG A 56 29.20 1.35 3.82
CA ARG A 56 28.64 1.00 2.52
C ARG A 56 27.13 0.82 2.65
N SER A 57 26.40 1.38 1.68
CA SER A 57 24.95 1.29 1.67
C SER A 57 24.46 -0.16 1.77
N ARG A 58 23.38 -0.33 2.53
CA ARG A 58 22.65 -1.58 2.59
C ARG A 58 21.65 -1.71 1.44
N GLY A 59 21.52 -0.69 0.59
CA GLY A 59 20.63 -0.80 -0.54
C GLY A 59 19.19 -0.50 -0.25
N PHE A 60 18.91 0.05 0.93
CA PHE A 60 17.53 0.46 1.23
C PHE A 60 17.58 1.60 2.20
N GLY A 61 16.43 2.25 2.31
CA GLY A 61 16.33 3.36 3.24
C GLY A 61 14.87 3.64 3.47
N PHE A 62 14.59 4.80 4.09
N PHE A 62 14.59 4.81 4.08
CA PHE A 62 13.19 5.18 4.35
CA PHE A 62 13.19 5.17 4.39
C PHE A 62 13.02 6.67 4.32
C PHE A 62 13.01 6.67 4.33
N VAL A 63 11.80 7.11 4.02
CA VAL A 63 11.51 8.56 4.00
C VAL A 63 10.21 8.68 4.83
N THR A 64 10.06 9.79 5.51
CA THR A 64 8.85 10.06 6.27
C THR A 64 8.28 11.38 5.79
N TYR A 65 7.05 11.35 5.29
CA TYR A 65 6.36 12.55 4.84
C TYR A 65 5.59 13.19 6.00
N ALA A 66 5.17 14.44 5.79
CA ALA A 66 4.39 15.16 6.80
C ALA A 66 2.96 14.67 6.88
N THR A 67 2.41 14.13 5.78
CA THR A 67 1.02 13.69 5.74
C THR A 67 0.87 12.41 4.92
N VAL A 68 -0.22 11.71 5.19
CA VAL A 68 -0.57 10.50 4.43
C VAL A 68 -0.86 10.83 2.97
N GLU A 69 -1.50 11.98 2.69
CA GLU A 69 -1.73 12.35 1.30
C GLU A 69 -0.42 12.48 0.52
N GLU A 70 0.66 12.92 1.19
CA GLU A 70 1.95 12.99 0.52
C GLU A 70 2.50 11.59 0.22
N VAL A 71 2.31 10.64 1.15
CA VAL A 71 2.69 9.27 0.86
C VAL A 71 1.95 8.78 -0.39
N ASP A 72 0.63 9.03 -0.44
CA ASP A 72 -0.17 8.64 -1.59
C ASP A 72 0.40 9.25 -2.87
N ALA A 73 0.77 10.54 -2.81
CA ALA A 73 1.30 11.19 -4.01
C ALA A 73 2.58 10.52 -4.46
N ALA A 74 3.47 10.20 -3.53
CA ALA A 74 4.71 9.51 -3.90
C ALA A 74 4.42 8.14 -4.52
N MET A 75 3.53 7.37 -3.90
CA MET A 75 3.17 6.07 -4.46
C MET A 75 2.52 6.20 -5.83
N ASN A 76 1.70 7.23 -6.03
CA ASN A 76 1.08 7.41 -7.33
C ASN A 76 2.06 7.84 -8.41
N ALA A 77 3.24 8.32 -8.02
CA ALA A 77 4.27 8.72 -8.97
C ALA A 77 5.26 7.61 -9.31
N ARG A 78 5.04 6.39 -8.81
CA ARG A 78 5.87 5.27 -9.25
C ARG A 78 5.67 5.06 -10.75
N PRO A 79 6.65 4.47 -11.42
CA PRO A 79 7.94 4.00 -10.90
C PRO A 79 8.89 5.13 -10.62
N HIS A 80 9.65 5.00 -9.54
CA HIS A 80 10.66 5.98 -9.17
C HIS A 80 12.04 5.51 -9.59
N LYS A 81 12.72 6.31 -10.39
CA LYS A 81 14.10 6.04 -10.76
C LYS A 81 14.93 7.02 -9.97
N VAL A 82 15.69 6.51 -9.01
CA VAL A 82 16.45 7.33 -8.06
C VAL A 82 17.91 7.07 -8.34
N ASP A 83 18.64 8.12 -8.71
CA ASP A 83 20.06 7.96 -9.03
C ASP A 83 20.31 6.84 -10.03
N GLY A 84 19.41 6.73 -11.01
CA GLY A 84 19.63 5.83 -12.13
C GLY A 84 19.05 4.43 -11.98
N ARG A 85 18.41 4.12 -10.85
CA ARG A 85 17.92 2.79 -10.57
C ARG A 85 16.46 2.86 -10.15
N VAL A 86 15.63 1.98 -10.70
CA VAL A 86 14.23 1.94 -10.29
C VAL A 86 14.16 1.29 -8.91
N VAL A 87 13.56 2.02 -7.95
CA VAL A 87 13.54 1.57 -6.56
C VAL A 87 12.16 0.98 -6.25
N GLU A 88 11.99 0.45 -5.05
CA GLU A 88 10.75 -0.23 -4.66
C GLU A 88 10.21 0.36 -3.37
N PRO A 89 9.33 1.36 -3.44
CA PRO A 89 8.76 1.94 -2.23
C PRO A 89 7.59 1.12 -1.74
N LYS A 90 7.49 0.96 -0.43
CA LYS A 90 6.36 0.28 0.19
C LYS A 90 6.03 0.99 1.50
N ARG A 91 4.75 1.05 1.82
CA ARG A 91 4.37 1.59 3.12
C ARG A 91 4.85 0.67 4.24
N ALA A 92 5.04 1.26 5.41
CA ALA A 92 5.51 0.54 6.59
C ALA A 92 4.57 -0.59 6.95
N VAL A 93 5.14 -1.63 7.58
CA VAL A 93 4.35 -2.78 8.01
C VAL A 93 3.37 -2.37 9.09
N SER A 94 2.22 -3.03 9.09
CA SER A 94 1.18 -2.82 10.09
C SER A 94 0.90 -4.12 10.87
N HIS A 104 7.15 -7.07 5.38
CA HIS A 104 5.99 -6.67 4.59
C HIS A 104 5.46 -7.85 3.79
N LEU A 105 4.18 -8.15 3.96
CA LEU A 105 3.54 -9.21 3.18
C LEU A 105 2.94 -8.54 1.95
N THR A 106 3.64 -8.63 0.83
CA THR A 106 3.31 -7.85 -0.36
C THR A 106 2.38 -8.64 -1.26
N VAL A 107 1.08 -8.32 -1.22
CA VAL A 107 0.09 -9.05 -2.00
C VAL A 107 -0.85 -8.06 -2.68
N LYS A 108 -1.56 -8.56 -3.68
CA LYS A 108 -2.46 -7.76 -4.50
C LYS A 108 -3.92 -8.14 -4.31
N LYS A 109 -4.22 -9.02 -3.36
CA LYS A 109 -5.55 -9.59 -3.21
C LYS A 109 -6.03 -9.43 -1.78
N ILE A 110 -7.32 -9.10 -1.63
CA ILE A 110 -7.93 -8.97 -0.31
C ILE A 110 -9.11 -9.92 -0.19
N PHE A 111 -9.30 -10.39 1.04
CA PHE A 111 -10.54 -11.01 1.49
C PHE A 111 -11.44 -9.91 2.04
N VAL A 112 -12.71 -9.97 1.67
CA VAL A 112 -13.74 -9.04 2.15
C VAL A 112 -14.85 -9.88 2.77
N GLY A 113 -15.01 -9.79 4.08
CA GLY A 113 -16.02 -10.57 4.77
C GLY A 113 -17.12 -9.72 5.38
N GLY A 114 -18.25 -10.36 5.65
CA GLY A 114 -19.38 -9.68 6.27
C GLY A 114 -20.29 -8.99 5.29
N ILE A 115 -20.23 -9.35 4.00
CA ILE A 115 -21.06 -8.71 3.00
C ILE A 115 -22.43 -9.35 2.84
N LYS A 116 -22.70 -10.45 3.52
CA LYS A 116 -24.02 -11.10 3.52
C LYS A 116 -24.44 -11.53 2.11
N GLU A 117 -25.74 -11.73 1.90
CA GLU A 117 -26.24 -12.28 0.64
C GLU A 117 -26.66 -11.21 -0.36
N ASP A 118 -26.72 -9.95 0.04
CA ASP A 118 -27.26 -8.91 -0.82
C ASP A 118 -26.20 -8.04 -1.49
N THR A 119 -24.92 -8.27 -1.23
CA THR A 119 -23.87 -7.45 -1.81
C THR A 119 -23.49 -8.00 -3.18
N GLU A 120 -23.41 -7.11 -4.18
CA GLU A 120 -23.15 -7.46 -5.56
C GLU A 120 -21.82 -6.87 -6.03
N GLU A 121 -21.43 -7.27 -7.25
CA GLU A 121 -20.13 -6.89 -7.78
C GLU A 121 -19.97 -5.38 -7.81
N HIS A 122 -21.00 -4.67 -8.25
CA HIS A 122 -20.88 -3.23 -8.43
C HIS A 122 -20.70 -2.50 -7.10
N HIS A 123 -21.27 -3.03 -6.01
CA HIS A 123 -21.03 -2.46 -4.68
C HIS A 123 -19.55 -2.51 -4.34
N LEU A 124 -18.93 -3.68 -4.54
CA LEU A 124 -17.51 -3.82 -4.26
C LEU A 124 -16.66 -3.00 -5.21
N ARG A 125 -17.03 -2.99 -6.49
CA ARG A 125 -16.24 -2.25 -7.47
C ARG A 125 -16.27 -0.74 -7.18
N ASP A 126 -17.47 -0.19 -6.94
CA ASP A 126 -17.56 1.26 -6.77
C ASP A 126 -16.79 1.72 -5.55
N TYR A 127 -16.75 0.90 -4.51
CA TYR A 127 -16.01 1.26 -3.31
C TYR A 127 -14.50 1.05 -3.51
N PHE A 128 -14.12 -0.17 -3.91
CA PHE A 128 -12.69 -0.49 -3.92
C PHE A 128 -11.92 0.15 -5.07
N GLU A 129 -12.59 0.57 -6.15
CA GLU A 129 -11.86 1.15 -7.28
C GLU A 129 -11.16 2.44 -6.91
N GLN A 130 -11.55 3.08 -5.82
CA GLN A 130 -10.88 4.29 -5.37
C GLN A 130 -9.60 4.00 -4.61
N TYR A 131 -9.30 2.73 -4.32
CA TYR A 131 -8.05 2.34 -3.71
C TYR A 131 -7.03 1.89 -4.75
N GLY A 132 -7.50 1.42 -5.90
CA GLY A 132 -6.57 0.96 -6.91
C GLY A 132 -7.35 0.37 -8.07
N LYS A 133 -6.60 -0.04 -9.08
CA LYS A 133 -7.18 -0.61 -10.29
C LYS A 133 -7.54 -2.07 -10.05
N ILE A 134 -8.82 -2.41 -10.22
CA ILE A 134 -9.30 -3.75 -9.94
C ILE A 134 -9.15 -4.62 -11.17
N GLU A 135 -8.62 -5.83 -10.99
CA GLU A 135 -8.56 -6.82 -12.05
C GLU A 135 -9.58 -7.94 -11.88
N VAL A 136 -9.88 -8.37 -10.66
CA VAL A 136 -10.81 -9.48 -10.42
C VAL A 136 -11.67 -9.17 -9.20
N ILE A 137 -12.97 -9.43 -9.32
CA ILE A 137 -13.85 -9.48 -8.16
C ILE A 137 -14.49 -10.86 -8.16
N GLU A 138 -14.36 -11.57 -7.05
CA GLU A 138 -14.89 -12.93 -6.93
C GLU A 138 -15.84 -12.95 -5.73
N ILE A 139 -17.14 -12.93 -5.99
CA ILE A 139 -18.14 -13.07 -4.94
C ILE A 139 -18.37 -14.56 -4.70
N MET A 140 -18.14 -15.01 -3.46
CA MET A 140 -18.07 -16.43 -3.19
C MET A 140 -19.48 -17.00 -3.02
N THR A 141 -19.71 -18.15 -3.64
CA THR A 141 -21.01 -18.81 -3.59
C THR A 141 -20.81 -20.25 -3.12
N ASP A 142 -21.89 -20.82 -2.60
CA ASP A 142 -21.82 -22.17 -2.08
C ASP A 142 -21.71 -23.19 -3.21
N ARG A 143 -20.76 -24.12 -3.07
CA ARG A 143 -20.46 -25.11 -4.08
C ARG A 143 -21.67 -25.98 -4.38
N GLY A 144 -22.53 -26.20 -3.39
CA GLY A 144 -23.68 -27.07 -3.55
C GLY A 144 -24.94 -26.35 -3.99
N SER A 145 -25.25 -25.21 -3.37
CA SER A 145 -26.52 -24.53 -3.59
C SER A 145 -26.42 -23.30 -4.46
N GLY A 146 -25.22 -22.77 -4.66
CA GLY A 146 -25.06 -21.53 -5.38
C GLY A 146 -25.39 -20.27 -4.60
N LYS A 147 -25.82 -20.40 -3.35
CA LYS A 147 -26.16 -19.22 -2.56
C LYS A 147 -24.89 -18.46 -2.18
N LYS A 148 -25.03 -17.14 -2.08
CA LYS A 148 -23.89 -16.32 -1.70
C LYS A 148 -23.47 -16.66 -0.28
N ARG A 149 -22.16 -16.72 -0.06
CA ARG A 149 -21.65 -17.10 1.25
C ARG A 149 -21.33 -15.92 2.14
N GLY A 150 -21.40 -14.70 1.62
CA GLY A 150 -21.15 -13.53 2.45
C GLY A 150 -19.72 -13.07 2.48
N PHE A 151 -18.89 -13.48 1.52
CA PHE A 151 -17.54 -12.94 1.43
C PHE A 151 -17.10 -12.94 -0.02
N ALA A 152 -16.00 -12.21 -0.27
CA ALA A 152 -15.53 -12.01 -1.63
C ALA A 152 -14.02 -11.79 -1.59
N PHE A 153 -13.42 -11.92 -2.76
CA PHE A 153 -12.02 -11.55 -2.96
C PHE A 153 -11.91 -10.50 -4.06
N VAL A 154 -11.04 -9.52 -3.85
CA VAL A 154 -10.79 -8.49 -4.84
C VAL A 154 -9.29 -8.50 -5.12
N THR A 155 -8.93 -8.57 -6.39
CA THR A 155 -7.54 -8.57 -6.84
C THR A 155 -7.29 -7.26 -7.58
N PHE A 156 -6.24 -6.56 -7.18
CA PHE A 156 -5.84 -5.30 -7.77
C PHE A 156 -4.60 -5.51 -8.63
N ASP A 157 -4.24 -4.49 -9.40
CA ASP A 157 -3.04 -4.60 -10.22
C ASP A 157 -1.75 -4.30 -9.47
N ASP A 158 -1.82 -3.99 -8.18
CA ASP A 158 -0.65 -3.49 -7.47
C ASP A 158 -0.90 -3.56 -5.98
N HIS A 159 0.17 -3.75 -5.22
CA HIS A 159 0.05 -4.01 -3.79
C HIS A 159 -0.31 -2.77 -2.97
N ASP A 160 -0.05 -1.56 -3.47
CA ASP A 160 -0.29 -0.39 -2.61
C ASP A 160 -1.76 -0.21 -2.29
N SER A 161 -2.64 -0.55 -3.23
N SER A 161 -2.64 -0.56 -3.22
CA SER A 161 -4.07 -0.55 -2.98
CA SER A 161 -4.07 -0.53 -2.95
C SER A 161 -4.39 -1.36 -1.72
C SER A 161 -4.41 -1.37 -1.72
N VAL A 162 -3.88 -2.59 -1.66
CA VAL A 162 -4.12 -3.46 -0.52
C VAL A 162 -3.54 -2.86 0.75
N ASP A 163 -2.32 -2.32 0.67
CA ASP A 163 -1.70 -1.73 1.85
C ASP A 163 -2.53 -0.58 2.40
N LYS A 164 -3.08 0.27 1.53
CA LYS A 164 -3.95 1.35 1.98
C LYS A 164 -5.23 0.79 2.61
N ILE A 165 -5.77 -0.27 2.03
CA ILE A 165 -7.04 -0.81 2.49
C ILE A 165 -6.91 -1.36 3.91
N VAL A 166 -5.87 -2.17 4.15
CA VAL A 166 -5.84 -2.95 5.38
C VAL A 166 -5.45 -2.10 6.59
N ILE A 167 -4.93 -0.90 6.39
CA ILE A 167 -4.63 -0.05 7.54
C ILE A 167 -5.84 0.75 8.00
N GLN A 168 -6.89 0.84 7.20
CA GLN A 168 -8.10 1.52 7.67
C GLN A 168 -8.74 0.74 8.81
N LYS A 169 -9.27 1.46 9.80
CA LYS A 169 -10.00 0.81 10.87
C LYS A 169 -11.33 0.21 10.40
N TYR A 170 -11.98 0.85 9.41
CA TYR A 170 -13.34 0.52 9.01
C TYR A 170 -13.47 0.46 7.50
N HIS A 171 -14.34 -0.44 7.03
CA HIS A 171 -14.80 -0.47 5.65
C HIS A 171 -16.30 -0.69 5.63
N THR A 172 -17.01 0.24 5.01
CA THR A 172 -18.46 0.21 4.88
C THR A 172 -18.80 0.04 3.41
N VAL A 173 -19.42 -1.08 3.08
CA VAL A 173 -19.78 -1.43 1.71
C VAL A 173 -21.20 -1.95 1.73
N ASN A 174 -22.08 -1.32 0.96
CA ASN A 174 -23.47 -1.75 0.85
C ASN A 174 -24.14 -1.73 2.23
N GLY A 175 -23.78 -0.73 3.04
CA GLY A 175 -24.29 -0.60 4.39
C GLY A 175 -23.74 -1.58 5.40
N HIS A 176 -22.89 -2.53 5.00
CA HIS A 176 -22.32 -3.50 5.93
C HIS A 176 -20.96 -2.99 6.39
N ASN A 177 -20.67 -3.18 7.68
CA ASN A 177 -19.30 -3.02 8.19
C ASN A 177 -18.54 -4.31 7.90
N CYS A 178 -17.55 -4.21 7.03
CA CYS A 178 -16.86 -5.38 6.51
C CYS A 178 -15.53 -5.60 7.21
N GLU A 179 -15.11 -6.86 7.22
CA GLU A 179 -13.79 -7.26 7.67
C GLU A 179 -12.94 -7.46 6.43
N VAL A 180 -11.79 -6.79 6.37
CA VAL A 180 -10.95 -6.86 5.18
C VAL A 180 -9.54 -7.26 5.59
N ARG A 181 -8.99 -8.27 4.91
CA ARG A 181 -7.65 -8.76 5.23
C ARG A 181 -6.90 -9.07 3.94
N LYS A 182 -5.57 -9.07 4.06
CA LYS A 182 -4.74 -9.56 2.96
C LYS A 182 -5.05 -11.02 2.72
N ALA A 183 -5.15 -11.40 1.43
CA ALA A 183 -5.41 -12.77 1.01
C ALA A 183 -4.20 -13.31 0.26
N LEU A 184 -3.79 -14.52 0.61
CA LEU A 184 -2.64 -15.15 -0.05
C LEU A 184 -3.01 -16.50 -0.66
#